data_8C4R
#
_entry.id   8C4R
#
_cell.length_a   42.740
_cell.length_b   64.580
_cell.length_c   129.650
_cell.angle_alpha   90.000
_cell.angle_beta   90.000
_cell.angle_gamma   90.000
#
_symmetry.space_group_name_H-M   'P 21 21 21'
#
loop_
_entity.id
_entity.type
_entity.pdbx_description
1 polymer 'Diadenylate cyclase'
2 non-polymer ADENINE
3 non-polymer 'CHLORIDE ION'
4 water water
#
_entity_poly.entity_id   1
_entity_poly.type   'polypeptide(L)'
_entity_poly.pdbx_seq_one_letter_code
;GPLGSYGSRIEREQHHLIESIEKSTQYMAKRRIGALISVARDTGMDDYIETGIPLNAKISSQLLINIFIPNTPLHDGAVI
IKGNEIASAASYLPLSDSPFLSKELGTRHRAALGISEVTDSITIVVSEETGGISLTKGGELFRDVSEEELHKILLKELVT
VTAKKPSIFSKWKGGKSE
;
_entity_poly.pdbx_strand_id   A,B
#
# COMPACT_ATOMS: atom_id res chain seq x y z
N SER A 8 -7.26 19.80 6.49
CA SER A 8 -6.58 20.32 7.66
C SER A 8 -5.69 21.48 7.29
N ARG A 9 -4.46 21.46 7.81
CA ARG A 9 -3.46 22.52 7.60
C ARG A 9 -2.58 22.18 6.38
N ILE A 10 -2.65 23.02 5.34
CA ILE A 10 -2.05 22.67 4.05
C ILE A 10 -0.52 22.70 4.13
N GLU A 11 0.07 23.74 4.76
CA GLU A 11 1.55 23.78 4.84
C GLU A 11 2.08 22.53 5.51
N ARG A 12 1.42 22.07 6.58
CA ARG A 12 1.82 20.83 7.23
C ARG A 12 1.73 19.64 6.28
N GLU A 13 0.64 19.55 5.50
CA GLU A 13 0.49 18.49 4.50
C GLU A 13 1.58 18.56 3.44
N GLN A 14 1.89 19.75 2.96
CA GLN A 14 2.89 19.86 1.90
C GLN A 14 4.28 19.47 2.41
N HIS A 15 4.62 19.87 3.64
CA HIS A 15 5.92 19.46 4.13
C HIS A 15 6.00 17.97 4.38
N HIS A 16 4.89 17.35 4.85
CA HIS A 16 4.88 15.90 5.06
C HIS A 16 5.04 15.17 3.73
N LEU A 17 4.46 15.71 2.68
CA LEU A 17 4.61 15.13 1.35
C LEU A 17 6.08 15.16 0.92
N ILE A 18 6.75 16.29 1.13
CA ILE A 18 8.17 16.39 0.77
C ILE A 18 8.98 15.37 1.55
N GLU A 19 8.78 15.31 2.86
N GLU A 19 8.77 15.29 2.87
CA GLU A 19 9.49 14.33 3.68
CA GLU A 19 9.52 14.32 3.66
C GLU A 19 9.24 12.92 3.17
C GLU A 19 9.25 12.90 3.19
N SER A 20 7.99 12.62 2.81
CA SER A 20 7.63 11.27 2.39
C SER A 20 8.35 10.90 1.09
N ILE A 21 8.44 11.85 0.15
CA ILE A 21 9.18 11.60 -1.08
C ILE A 21 10.67 11.43 -0.78
N GLU A 22 11.21 12.27 0.12
CA GLU A 22 12.65 12.20 0.41
C GLU A 22 13.02 10.86 1.04
N LYS A 23 12.24 10.43 2.04
CA LYS A 23 12.58 9.19 2.75
C LYS A 23 12.38 7.98 1.86
N SER A 24 11.29 7.95 1.11
CA SER A 24 11.04 6.77 0.28
C SER A 24 12.06 6.70 -0.86
N THR A 25 12.37 7.83 -1.51
CA THR A 25 13.36 7.75 -2.59
C THR A 25 14.75 7.45 -2.05
N GLN A 26 15.08 7.91 -0.83
CA GLN A 26 16.36 7.52 -0.24
C GLN A 26 16.41 6.01 -0.02
N TYR A 27 15.33 5.46 0.53
CA TYR A 27 15.28 4.03 0.76
C TYR A 27 15.45 3.25 -0.53
N MET A 28 14.69 3.64 -1.57
CA MET A 28 14.71 2.91 -2.84
C MET A 28 16.03 3.12 -3.57
N ALA A 29 16.57 4.33 -3.52
CA ALA A 29 17.83 4.60 -4.23
C ALA A 29 18.96 3.70 -3.73
N LYS A 30 19.04 3.49 -2.40
CA LYS A 30 20.10 2.68 -1.80
C LYS A 30 20.01 1.23 -2.25
N ARG A 31 18.79 0.74 -2.49
CA ARG A 31 18.54 -0.64 -2.91
C ARG A 31 18.34 -0.75 -4.43
N ARG A 32 18.53 0.33 -5.18
CA ARG A 32 18.31 0.32 -6.64
C ARG A 32 16.92 -0.19 -6.99
N ILE A 33 15.92 0.28 -6.25
CA ILE A 33 14.54 -0.05 -6.58
C ILE A 33 14.01 1.06 -7.48
N GLY A 34 13.55 0.69 -8.68
CA GLY A 34 13.00 1.68 -9.60
C GLY A 34 11.70 2.28 -9.06
N ALA A 35 11.51 3.56 -9.32
CA ALA A 35 10.28 4.20 -8.84
C ALA A 35 9.94 5.38 -9.74
N LEU A 36 8.66 5.77 -9.69
CA LEU A 36 8.12 6.81 -10.55
C LEU A 36 6.92 7.43 -9.81
N ILE A 37 7.06 8.66 -9.36
CA ILE A 37 6.10 9.33 -8.49
C ILE A 37 5.80 10.67 -9.09
N SER A 38 4.56 10.90 -9.49
CA SER A 38 4.17 12.14 -10.18
C SER A 38 3.21 12.88 -9.25
N VAL A 39 3.53 14.14 -8.93
CA VAL A 39 2.72 14.96 -8.02
C VAL A 39 1.95 15.97 -8.87
N ALA A 40 0.61 15.85 -8.87
CA ALA A 40 -0.25 16.77 -9.59
C ALA A 40 -0.28 18.18 -8.95
N ARG A 41 -0.45 19.18 -9.83
CA ARG A 41 -0.39 20.58 -9.39
C ARG A 41 -1.64 21.29 -9.87
N ASP A 42 -1.51 22.42 -10.58
CA ASP A 42 -2.67 23.18 -11.06
C ASP A 42 -3.40 22.45 -12.18
N THR A 43 -2.66 21.79 -13.06
CA THR A 43 -3.27 20.99 -14.12
C THR A 43 -3.56 19.59 -13.58
N GLY A 44 -4.76 19.09 -13.88
CA GLY A 44 -5.13 17.80 -13.36
C GLY A 44 -4.46 16.63 -14.07
N MET A 45 -4.43 15.50 -13.35
CA MET A 45 -3.90 14.22 -13.80
C MET A 45 -4.99 13.17 -13.75
N ASP A 46 -6.25 13.61 -13.65
CA ASP A 46 -7.32 12.65 -13.37
C ASP A 46 -7.38 11.53 -14.41
N ASP A 47 -7.05 11.81 -15.67
CA ASP A 47 -7.16 10.74 -16.68
C ASP A 47 -6.09 9.68 -16.48
N TYR A 48 -4.92 10.09 -16.00
CA TYR A 48 -3.87 9.10 -15.73
C TYR A 48 -4.12 8.36 -14.42
N ILE A 49 -4.76 9.02 -13.46
CA ILE A 49 -5.18 8.32 -12.24
C ILE A 49 -6.13 7.16 -12.61
N GLU A 50 -7.01 7.40 -13.59
CA GLU A 50 -8.00 6.40 -13.97
C GLU A 50 -7.38 5.16 -14.60
N THR A 51 -6.15 5.25 -15.08
CA THR A 51 -5.48 4.10 -15.69
C THR A 51 -4.84 3.18 -14.68
N GLY A 52 -4.71 3.61 -13.44
CA GLY A 52 -4.01 2.83 -12.43
C GLY A 52 -4.97 2.12 -11.50
N ILE A 53 -4.39 1.58 -10.43
CA ILE A 53 -5.14 0.90 -9.38
C ILE A 53 -5.44 1.93 -8.31
N PRO A 54 -6.70 2.19 -7.97
CA PRO A 54 -7.03 3.26 -7.02
C PRO A 54 -6.60 2.90 -5.61
N LEU A 55 -5.98 3.86 -4.93
CA LEU A 55 -5.58 3.72 -3.54
C LEU A 55 -6.25 4.76 -2.64
N ASN A 56 -6.32 6.00 -3.08
CA ASN A 56 -6.93 7.09 -2.31
C ASN A 56 -6.41 7.07 -0.87
N ALA A 57 -5.09 6.94 -0.70
CA ALA A 57 -4.51 6.61 0.58
C ALA A 57 -3.73 7.76 1.19
N LYS A 58 -3.64 7.72 2.51
N LYS A 58 -3.65 7.73 2.52
CA LYS A 58 -2.79 8.67 3.23
CA LYS A 58 -2.75 8.63 3.24
C LYS A 58 -1.35 8.53 2.77
C LYS A 58 -1.36 8.54 2.66
N ILE A 59 -0.69 9.68 2.57
CA ILE A 59 0.69 9.72 2.10
C ILE A 59 1.62 9.31 3.25
N SER A 60 2.53 8.37 2.96
CA SER A 60 3.59 8.01 3.90
C SER A 60 4.79 7.50 3.12
N SER A 61 5.97 7.64 3.71
CA SER A 61 7.16 7.02 3.13
C SER A 61 7.00 5.50 3.08
N GLN A 62 6.37 4.92 4.09
CA GLN A 62 6.26 3.46 4.12
C GLN A 62 5.38 2.93 3.00
N LEU A 63 4.25 3.58 2.74
CA LEU A 63 3.40 3.10 1.65
C LEU A 63 4.09 3.30 0.31
N LEU A 64 4.75 4.44 0.13
CA LEU A 64 5.44 4.64 -1.13
C LEU A 64 6.47 3.53 -1.38
N ILE A 65 7.22 3.16 -0.35
CA ILE A 65 8.22 2.12 -0.50
C ILE A 65 7.54 0.80 -0.84
N ASN A 66 6.50 0.43 -0.08
CA ASN A 66 5.84 -0.86 -0.29
C ASN A 66 5.26 -0.95 -1.69
N ILE A 67 4.90 0.18 -2.29
CA ILE A 67 4.28 0.13 -3.61
C ILE A 67 5.28 -0.35 -4.66
N PHE A 68 6.57 0.04 -4.54
CA PHE A 68 7.51 -0.12 -5.65
C PHE A 68 8.35 -1.39 -5.51
N ILE A 69 8.05 -2.22 -4.53
CA ILE A 69 8.85 -3.44 -4.35
C ILE A 69 8.76 -4.27 -5.63
N PRO A 70 9.87 -4.74 -6.17
CA PRO A 70 9.84 -5.34 -7.51
C PRO A 70 8.98 -6.59 -7.50
N ASN A 71 8.35 -6.83 -8.66
CA ASN A 71 7.60 -8.08 -8.90
C ASN A 71 6.39 -8.18 -7.98
N THR A 72 5.76 -7.04 -7.71
CA THR A 72 4.54 -7.00 -6.92
C THR A 72 3.40 -6.38 -7.75
N PRO A 73 2.16 -6.56 -7.29
CA PRO A 73 1.02 -6.07 -8.09
C PRO A 73 1.04 -4.57 -8.34
N LEU A 74 1.52 -3.74 -7.41
CA LEU A 74 1.39 -2.30 -7.58
C LEU A 74 2.60 -1.60 -8.20
N HIS A 75 3.69 -2.32 -8.47
CA HIS A 75 4.93 -1.64 -8.82
C HIS A 75 5.02 -1.14 -10.27
N ASP A 76 4.29 -1.71 -11.24
CA ASP A 76 4.64 -1.54 -12.65
C ASP A 76 3.89 -0.36 -13.26
N GLY A 77 4.36 0.83 -12.90
CA GLY A 77 3.81 2.08 -13.39
C GLY A 77 4.09 3.20 -12.41
N ALA A 78 3.40 4.31 -12.63
CA ALA A 78 3.56 5.50 -11.80
C ALA A 78 2.61 5.51 -10.62
N VAL A 79 3.10 6.06 -9.51
CA VAL A 79 2.23 6.55 -8.44
C VAL A 79 1.83 7.98 -8.76
N ILE A 80 0.56 8.31 -8.57
CA ILE A 80 0.12 9.69 -8.79
C ILE A 80 -0.42 10.21 -7.47
N ILE A 81 0.14 11.33 -7.01
CA ILE A 81 -0.29 11.97 -5.78
C ILE A 81 -1.14 13.17 -6.14
N LYS A 82 -2.34 13.23 -5.59
CA LYS A 82 -3.29 14.29 -5.86
C LYS A 82 -3.83 14.80 -4.55
N GLY A 83 -3.60 16.10 -4.31
CA GLY A 83 -3.93 16.73 -3.06
C GLY A 83 -3.16 16.06 -1.94
N ASN A 84 -3.89 15.60 -0.94
CA ASN A 84 -3.20 14.96 0.17
C ASN A 84 -3.35 13.45 0.15
N GLU A 85 -3.47 12.83 -1.04
CA GLU A 85 -3.61 11.37 -1.11
C GLU A 85 -2.68 10.79 -2.16
N ILE A 86 -2.23 9.55 -1.92
CA ILE A 86 -1.70 8.72 -3.00
C ILE A 86 -2.94 8.22 -3.74
N ALA A 87 -3.19 8.77 -4.95
CA ALA A 87 -4.44 8.51 -5.67
C ALA A 87 -4.42 7.12 -6.29
N SER A 88 -3.35 6.79 -7.00
CA SER A 88 -3.28 5.56 -7.77
C SER A 88 -1.83 5.09 -7.79
N ALA A 89 -1.67 3.81 -8.07
CA ALA A 89 -0.40 3.18 -8.38
C ALA A 89 -0.55 2.47 -9.72
N ALA A 90 0.59 2.14 -10.34
CA ALA A 90 0.63 1.36 -11.58
C ALA A 90 -0.11 2.07 -12.72
N SER A 91 0.00 3.40 -12.74
CA SER A 91 -0.64 4.25 -13.74
C SER A 91 0.24 4.43 -14.96
N TYR A 92 -0.43 4.63 -16.09
CA TYR A 92 0.20 4.99 -17.36
C TYR A 92 0.49 6.46 -17.34
N LEU A 93 1.68 6.83 -17.81
CA LEU A 93 2.01 8.19 -18.18
C LEU A 93 2.43 8.18 -19.62
N PRO A 94 2.21 9.27 -20.33
CA PRO A 94 2.61 9.31 -21.73
C PRO A 94 4.13 9.34 -21.84
N LEU A 95 4.65 8.60 -22.82
CA LEU A 95 6.10 8.60 -23.04
C LEU A 95 6.52 9.77 -23.91
N SER A 96 7.59 10.43 -23.52
CA SER A 96 8.16 11.43 -24.41
C SER A 96 8.78 10.76 -25.63
N ASP A 97 8.60 11.40 -26.79
CA ASP A 97 9.31 11.05 -27.99
C ASP A 97 10.59 11.84 -28.19
N SER A 98 10.97 12.69 -27.24
CA SER A 98 12.13 13.56 -27.45
C SER A 98 13.37 12.73 -27.79
N PRO A 99 14.09 13.06 -28.86
CA PRO A 99 15.37 12.39 -29.12
C PRO A 99 16.50 12.94 -28.27
N PHE A 100 16.24 13.97 -27.48
CA PHE A 100 17.26 14.55 -26.62
C PHE A 100 17.43 13.78 -25.33
N LEU A 101 16.49 12.96 -24.96
CA LEU A 101 16.66 12.19 -23.73
C LEU A 101 17.69 11.09 -23.97
N SER A 102 18.67 11.00 -23.07
CA SER A 102 19.74 10.03 -23.26
C SER A 102 19.23 8.61 -23.39
N LYS A 103 19.80 7.86 -24.34
CA LYS A 103 19.44 6.47 -24.51
C LYS A 103 19.85 5.60 -23.32
N GLU A 104 20.70 6.12 -22.42
CA GLU A 104 21.09 5.35 -21.24
C GLU A 104 19.95 5.26 -20.24
N LEU A 105 18.96 6.12 -20.34
CA LEU A 105 17.85 6.17 -19.41
C LEU A 105 16.71 5.28 -19.90
N GLY A 106 15.92 4.78 -18.96
CA GLY A 106 14.90 3.79 -19.23
C GLY A 106 13.51 4.38 -19.39
N THR A 107 12.53 3.48 -19.38
CA THR A 107 11.14 3.86 -19.63
C THR A 107 10.60 4.84 -18.58
N ARG A 108 10.93 4.62 -17.30
CA ARG A 108 10.43 5.51 -16.24
C ARG A 108 10.82 6.94 -16.52
N HIS A 109 12.05 7.15 -16.97
CA HIS A 109 12.50 8.51 -17.27
C HIS A 109 11.73 9.09 -18.44
N ARG A 110 11.49 8.28 -19.47
CA ARG A 110 10.78 8.77 -20.64
C ARG A 110 9.32 9.04 -20.29
N ALA A 111 8.77 8.25 -19.38
CA ALA A 111 7.43 8.51 -18.88
C ALA A 111 7.39 9.79 -18.05
N ALA A 112 8.38 9.97 -17.15
CA ALA A 112 8.41 11.19 -16.37
C ALA A 112 8.57 12.41 -17.27
N LEU A 113 9.40 12.30 -18.30
CA LEU A 113 9.56 13.41 -19.22
C LEU A 113 8.27 13.68 -20.00
N GLY A 114 7.63 12.60 -20.40
CA GLY A 114 6.39 12.75 -21.18
C GLY A 114 5.30 13.46 -20.41
N ILE A 115 5.09 13.07 -19.15
CA ILE A 115 4.03 13.74 -18.39
C ILE A 115 4.40 15.20 -18.13
N SER A 116 5.70 15.50 -17.91
CA SER A 116 6.10 16.88 -17.69
C SER A 116 5.89 17.77 -18.91
N GLU A 117 5.77 17.19 -20.12
CA GLU A 117 5.57 18.00 -21.32
C GLU A 117 4.14 18.45 -21.53
N VAL A 118 3.17 17.91 -20.78
CA VAL A 118 1.76 18.18 -21.01
C VAL A 118 1.00 18.56 -19.75
N THR A 119 1.67 18.64 -18.60
CA THR A 119 1.07 19.05 -17.34
C THR A 119 2.12 19.86 -16.61
N ASP A 120 1.71 20.51 -15.53
CA ASP A 120 2.68 21.18 -14.67
C ASP A 120 3.06 20.30 -13.48
N SER A 121 2.92 18.98 -13.62
N SER A 121 2.91 18.98 -13.61
CA SER A 121 3.25 18.10 -12.51
CA SER A 121 3.22 18.10 -12.50
C SER A 121 4.75 18.05 -12.28
C SER A 121 4.73 18.03 -12.28
N ILE A 122 5.11 17.66 -11.07
CA ILE A 122 6.50 17.43 -10.68
C ILE A 122 6.66 15.92 -10.58
N THR A 123 7.59 15.33 -11.31
CA THR A 123 7.71 13.87 -11.23
C THR A 123 9.10 13.49 -10.79
N ILE A 124 9.22 12.47 -9.96
CA ILE A 124 10.47 12.02 -9.37
C ILE A 124 10.70 10.59 -9.80
N VAL A 125 11.89 10.28 -10.25
CA VAL A 125 12.25 8.93 -10.69
C VAL A 125 13.42 8.43 -9.86
N VAL A 126 13.39 7.15 -9.52
CA VAL A 126 14.56 6.45 -8.99
C VAL A 126 14.98 5.43 -10.04
N SER A 127 16.23 5.50 -10.46
CA SER A 127 16.72 4.59 -11.47
C SER A 127 17.04 3.24 -10.86
N GLU A 128 16.50 2.18 -11.44
CA GLU A 128 16.83 0.83 -11.00
C GLU A 128 18.19 0.39 -11.50
N GLU A 129 18.78 1.10 -12.46
CA GLU A 129 20.14 0.81 -12.92
C GLU A 129 21.18 1.45 -12.01
N THR A 130 21.02 2.73 -11.70
CA THR A 130 22.03 3.49 -10.98
C THR A 130 21.64 3.85 -9.55
N GLY A 131 20.36 3.79 -9.20
CA GLY A 131 19.93 4.38 -7.96
C GLY A 131 19.85 5.88 -8.00
N GLY A 132 20.24 6.52 -9.10
CA GLY A 132 20.16 7.95 -9.18
C GLY A 132 18.73 8.44 -9.12
N ILE A 133 18.54 9.60 -8.49
CA ILE A 133 17.23 10.25 -8.42
C ILE A 133 17.18 11.37 -9.44
N SER A 134 16.14 11.38 -10.26
CA SER A 134 15.93 12.45 -11.23
C SER A 134 14.55 13.05 -11.06
N LEU A 135 14.36 14.23 -11.64
CA LEU A 135 13.13 14.97 -11.53
C LEU A 135 12.76 15.54 -12.89
N THR A 136 11.46 15.57 -13.22
CA THR A 136 11.04 16.27 -14.45
C THR A 136 10.01 17.34 -14.14
N LYS A 137 10.12 18.43 -14.90
CA LYS A 137 9.21 19.57 -14.78
C LYS A 137 9.24 20.34 -16.11
N GLY A 138 8.07 20.61 -16.67
CA GLY A 138 7.99 21.44 -17.87
C GLY A 138 8.86 20.98 -19.02
N GLY A 139 8.92 19.68 -19.28
CA GLY A 139 9.71 19.21 -20.41
C GLY A 139 11.20 19.16 -20.17
N GLU A 140 11.64 19.39 -18.95
CA GLU A 140 13.06 19.36 -18.61
C GLU A 140 13.32 18.26 -17.59
N LEU A 141 14.51 17.67 -17.68
CA LEU A 141 15.01 16.65 -16.78
C LEU A 141 16.11 17.20 -15.88
N PHE A 142 16.04 16.87 -14.61
CA PHE A 142 17.13 17.22 -13.68
C PHE A 142 17.68 15.86 -13.27
N ARG A 143 18.82 15.47 -13.83
CA ARG A 143 19.29 14.10 -13.74
C ARG A 143 20.26 13.88 -12.57
N ASP A 144 19.97 12.86 -11.75
CA ASP A 144 20.89 12.41 -10.68
C ASP A 144 21.21 13.56 -9.71
N VAL A 145 20.17 14.08 -9.09
CA VAL A 145 20.30 15.15 -8.13
C VAL A 145 20.71 14.61 -6.75
N SER A 146 21.50 15.41 -6.04
CA SER A 146 21.85 15.09 -4.67
C SER A 146 20.65 15.24 -3.75
N GLU A 147 20.79 14.72 -2.51
CA GLU A 147 19.74 14.89 -1.52
C GLU A 147 19.45 16.36 -1.27
N GLU A 148 20.50 17.19 -1.18
CA GLU A 148 20.30 18.63 -0.98
C GLU A 148 19.54 19.26 -2.15
N GLU A 149 19.88 18.87 -3.37
CA GLU A 149 19.23 19.45 -4.55
C GLU A 149 17.78 19.02 -4.62
N LEU A 150 17.53 17.74 -4.38
CA LEU A 150 16.15 17.25 -4.36
C LEU A 150 15.33 18.02 -3.34
N HIS A 151 15.90 18.24 -2.15
CA HIS A 151 15.15 18.94 -1.11
C HIS A 151 14.80 20.35 -1.55
N LYS A 152 15.75 21.06 -2.17
CA LYS A 152 15.48 22.45 -2.51
C LYS A 152 14.45 22.53 -3.62
N ILE A 153 14.51 21.64 -4.59
CA ILE A 153 13.55 21.66 -5.70
C ILE A 153 12.16 21.35 -5.16
N LEU A 154 12.05 20.31 -4.32
CA LEU A 154 10.75 19.96 -3.78
C LEU A 154 10.19 21.08 -2.92
N LEU A 155 11.03 21.71 -2.10
CA LEU A 155 10.57 22.86 -1.33
C LEU A 155 10.00 23.94 -2.23
N LYS A 156 10.73 24.29 -3.30
CA LYS A 156 10.34 25.39 -4.16
C LYS A 156 9.04 25.07 -4.90
N GLU A 157 8.92 23.85 -5.39
CA GLU A 157 7.81 23.54 -6.27
C GLU A 157 6.57 23.05 -5.54
N LEU A 158 6.71 22.38 -4.39
CA LEU A 158 5.56 21.77 -3.73
C LEU A 158 5.03 22.53 -2.52
N VAL A 159 5.73 23.55 -2.05
CA VAL A 159 5.30 24.33 -0.89
C VAL A 159 4.85 25.70 -1.38
N THR A 160 3.55 25.96 -1.25
CA THR A 160 2.98 27.29 -1.51
C THR A 160 2.62 28.02 -0.20
N SER B 8 -22.36 0.21 8.08
CA SER B 8 -20.99 -0.25 7.89
C SER B 8 -20.64 -0.33 6.40
N ARG B 9 -21.23 -1.31 5.71
CA ARG B 9 -20.97 -1.50 4.29
C ARG B 9 -22.21 -2.03 3.57
N ILE B 10 -22.36 -1.65 2.29
CA ILE B 10 -23.44 -2.17 1.44
C ILE B 10 -23.07 -3.57 0.96
N GLU B 11 -24.06 -4.30 0.42
CA GLU B 11 -23.78 -5.65 -0.04
C GLU B 11 -22.67 -5.65 -1.08
N ARG B 12 -22.65 -4.64 -1.94
CA ARG B 12 -21.65 -4.61 -2.98
C ARG B 12 -20.26 -4.55 -2.37
N GLU B 13 -20.09 -3.68 -1.39
CA GLU B 13 -18.81 -3.54 -0.69
C GLU B 13 -18.44 -4.81 0.04
N GLN B 14 -19.43 -5.48 0.64
CA GLN B 14 -19.15 -6.71 1.35
C GLN B 14 -18.63 -7.79 0.43
N HIS B 15 -19.25 -7.96 -0.75
CA HIS B 15 -18.76 -8.98 -1.65
C HIS B 15 -17.38 -8.62 -2.17
N HIS B 16 -17.13 -7.33 -2.44
CA HIS B 16 -15.81 -6.90 -2.90
C HIS B 16 -14.74 -7.14 -1.84
N LEU B 17 -15.08 -6.90 -0.58
CA LEU B 17 -14.12 -7.12 0.48
C LEU B 17 -13.76 -8.60 0.55
N ILE B 18 -14.76 -9.47 0.51
CA ILE B 18 -14.51 -10.90 0.53
C ILE B 18 -13.59 -11.30 -0.62
N GLU B 19 -13.90 -10.81 -1.84
CA GLU B 19 -13.12 -11.21 -3.00
C GLU B 19 -11.69 -10.74 -2.87
N SER B 20 -11.52 -9.59 -2.22
CA SER B 20 -10.18 -9.04 -2.09
C SER B 20 -9.36 -9.83 -1.10
N ILE B 21 -10.01 -10.26 0.00
CA ILE B 21 -9.35 -11.12 0.98
C ILE B 21 -9.01 -12.46 0.35
N GLU B 22 -9.95 -13.02 -0.42
CA GLU B 22 -9.69 -14.33 -1.02
C GLU B 22 -8.52 -14.28 -1.99
N LYS B 23 -8.54 -13.33 -2.92
CA LYS B 23 -7.48 -13.29 -3.93
C LYS B 23 -6.12 -13.00 -3.31
N SER B 24 -6.07 -12.07 -2.35
CA SER B 24 -4.77 -11.71 -1.80
C SER B 24 -4.20 -12.87 -0.97
N THR B 25 -5.04 -13.49 -0.16
CA THR B 25 -4.56 -14.60 0.69
C THR B 25 -4.17 -15.80 -0.14
N GLN B 26 -4.88 -16.03 -1.28
CA GLN B 26 -4.48 -17.12 -2.15
C GLN B 26 -3.12 -16.87 -2.78
N TYR B 27 -2.86 -15.63 -3.20
CA TYR B 27 -1.53 -15.26 -3.69
C TYR B 27 -0.48 -15.50 -2.63
N MET B 28 -0.71 -14.99 -1.42
CA MET B 28 0.30 -15.10 -0.37
C MET B 28 0.46 -16.54 0.13
N ALA B 29 -0.62 -17.34 0.09
CA ALA B 29 -0.50 -18.72 0.54
C ALA B 29 0.42 -19.53 -0.36
N LYS B 30 0.28 -19.36 -1.70
CA LYS B 30 1.14 -20.06 -2.65
C LYS B 30 2.61 -19.79 -2.38
N ARG B 31 2.94 -18.58 -1.94
CA ARG B 31 4.33 -18.16 -1.80
C ARG B 31 4.80 -18.22 -0.35
N ARG B 32 3.98 -18.73 0.56
CA ARG B 32 4.32 -18.82 1.98
C ARG B 32 4.66 -17.45 2.55
N ILE B 33 3.90 -16.43 2.18
CA ILE B 33 4.06 -15.09 2.72
C ILE B 33 3.10 -14.97 3.89
N GLY B 34 3.64 -14.67 5.08
CA GLY B 34 2.79 -14.53 6.24
C GLY B 34 1.95 -13.27 6.15
N ALA B 35 0.70 -13.36 6.64
CA ALA B 35 -0.22 -12.23 6.59
C ALA B 35 -1.22 -12.34 7.74
N LEU B 36 -1.81 -11.19 8.08
CA LEU B 36 -2.68 -11.06 9.25
C LEU B 36 -3.64 -9.90 8.95
N ILE B 37 -4.91 -10.22 8.65
CA ILE B 37 -5.90 -9.22 8.23
C ILE B 37 -7.09 -9.34 9.18
N SER B 38 -7.36 -8.27 9.95
CA SER B 38 -8.47 -8.26 10.91
C SER B 38 -9.58 -7.34 10.41
N VAL B 39 -10.82 -7.85 10.26
CA VAL B 39 -11.93 -7.07 9.76
C VAL B 39 -12.83 -6.69 10.92
N ALA B 40 -13.01 -5.40 11.13
CA ALA B 40 -13.88 -4.93 12.21
C ALA B 40 -15.34 -5.16 11.88
N ARG B 41 -16.12 -5.52 12.91
CA ARG B 41 -17.56 -5.65 12.78
C ARG B 41 -18.18 -4.67 13.77
N ASP B 42 -19.01 -5.13 14.70
CA ASP B 42 -19.78 -4.17 15.51
C ASP B 42 -18.94 -3.52 16.62
N THR B 43 -17.99 -4.25 17.23
CA THR B 43 -17.36 -3.76 18.45
C THR B 43 -16.40 -2.60 18.18
N GLY B 44 -15.60 -2.69 17.13
CA GLY B 44 -14.84 -1.47 16.88
C GLY B 44 -13.43 -1.53 17.43
N MET B 45 -12.49 -0.94 16.68
CA MET B 45 -11.09 -1.27 16.88
C MET B 45 -10.18 -0.03 16.79
N ASP B 46 -10.69 1.15 17.16
CA ASP B 46 -9.96 2.39 16.89
C ASP B 46 -8.62 2.44 17.60
N ASP B 47 -8.50 1.81 18.77
CA ASP B 47 -7.24 1.86 19.52
C ASP B 47 -6.15 0.97 18.90
N TYR B 48 -6.52 -0.03 18.09
CA TYR B 48 -5.52 -0.88 17.48
C TYR B 48 -5.03 -0.38 16.12
N ILE B 49 -5.81 0.42 15.37
CA ILE B 49 -5.21 1.07 14.22
C ILE B 49 -4.47 2.35 14.61
N GLU B 50 -4.83 2.96 15.74
CA GLU B 50 -3.96 3.99 16.30
C GLU B 50 -2.55 3.44 16.45
N THR B 51 -2.42 2.14 16.76
CA THR B 51 -1.15 1.49 16.62
C THR B 51 -0.91 1.25 15.13
N GLY B 52 0.33 1.26 14.72
CA GLY B 52 0.53 0.97 13.29
C GLY B 52 0.55 2.20 12.40
N ILE B 53 0.62 1.93 11.10
CA ILE B 53 0.84 2.96 10.09
C ILE B 53 -0.48 3.25 9.40
N PRO B 54 -1.03 4.47 9.52
CA PRO B 54 -2.33 4.76 8.88
C PRO B 54 -2.25 4.74 7.37
N LEU B 55 -3.27 4.13 6.75
CA LEU B 55 -3.41 4.08 5.30
C LEU B 55 -4.72 4.67 4.81
N ASN B 56 -5.82 4.47 5.52
CA ASN B 56 -7.16 4.92 5.08
C ASN B 56 -7.39 4.71 3.58
N ALA B 57 -7.13 3.49 3.11
CA ALA B 57 -7.00 3.24 1.68
C ALA B 57 -8.16 2.41 1.12
N LYS B 58 -8.40 2.59 -0.18
CA LYS B 58 -9.35 1.72 -0.89
C LYS B 58 -8.94 0.26 -0.76
N ILE B 59 -9.92 -0.61 -0.52
CA ILE B 59 -9.64 -2.04 -0.43
C ILE B 59 -9.39 -2.60 -1.81
N SER B 60 -8.29 -3.34 -1.97
CA SER B 60 -8.00 -4.12 -3.18
C SER B 60 -7.12 -5.29 -2.80
N SER B 61 -7.22 -6.38 -3.58
CA SER B 61 -6.29 -7.50 -3.41
C SER B 61 -4.83 -7.08 -3.70
N GLN B 62 -4.62 -6.15 -4.64
CA GLN B 62 -3.27 -5.70 -5.02
C GLN B 62 -2.59 -5.01 -3.84
N LEU B 63 -3.29 -4.08 -3.21
CA LEU B 63 -2.70 -3.40 -2.05
C LEU B 63 -2.47 -4.36 -0.87
N LEU B 64 -3.42 -5.28 -0.60
CA LEU B 64 -3.21 -6.26 0.46
C LEU B 64 -1.94 -7.08 0.21
N ILE B 65 -1.73 -7.52 -1.03
CA ILE B 65 -0.52 -8.26 -1.36
C ILE B 65 0.71 -7.41 -1.17
N ASN B 66 0.70 -6.19 -1.73
CA ASN B 66 1.89 -5.36 -1.59
C ASN B 66 2.25 -5.06 -0.15
N ILE B 67 1.25 -4.97 0.74
CA ILE B 67 1.51 -4.69 2.16
C ILE B 67 2.37 -5.75 2.80
N PHE B 68 2.10 -7.03 2.51
CA PHE B 68 2.73 -8.09 3.28
C PHE B 68 4.03 -8.62 2.68
N ILE B 69 4.59 -7.98 1.66
CA ILE B 69 5.82 -8.55 1.12
C ILE B 69 6.86 -8.58 2.22
N PRO B 70 7.61 -9.66 2.39
CA PRO B 70 8.55 -9.74 3.52
C PRO B 70 9.60 -8.64 3.48
N ASN B 71 9.99 -8.19 4.67
CA ASN B 71 11.12 -7.29 4.82
C ASN B 71 10.84 -5.92 4.22
N THR B 72 9.58 -5.51 4.21
CA THR B 72 9.14 -4.19 3.79
C THR B 72 8.60 -3.39 4.96
N PRO B 73 8.48 -2.07 4.81
CA PRO B 73 8.02 -1.22 5.91
C PRO B 73 6.66 -1.54 6.47
N LEU B 74 5.75 -2.06 5.65
CA LEU B 74 4.37 -2.28 6.09
C LEU B 74 4.08 -3.70 6.53
N HIS B 75 5.02 -4.66 6.39
CA HIS B 75 4.60 -6.05 6.51
C HIS B 75 4.41 -6.54 7.94
N ASP B 76 5.05 -5.89 8.93
CA ASP B 76 5.25 -6.53 10.24
C ASP B 76 4.13 -6.12 11.20
N GLY B 77 3.00 -6.77 11.00
CA GLY B 77 1.88 -6.64 11.92
C GLY B 77 0.58 -6.90 11.18
N ALA B 78 -0.51 -6.41 11.77
CA ALA B 78 -1.86 -6.63 11.26
C ALA B 78 -2.30 -5.51 10.32
N VAL B 79 -3.00 -5.88 9.24
CA VAL B 79 -3.84 -4.94 8.50
C VAL B 79 -5.20 -4.88 9.19
N ILE B 80 -5.72 -3.68 9.40
CA ILE B 80 -7.03 -3.55 10.03
C ILE B 80 -7.95 -2.94 8.99
N ILE B 81 -9.08 -3.60 8.75
CA ILE B 81 -10.07 -3.13 7.79
C ILE B 81 -11.28 -2.66 8.57
N LYS B 82 -11.68 -1.40 8.37
CA LYS B 82 -12.93 -0.97 8.94
C LYS B 82 -13.71 -0.07 8.02
N GLY B 83 -15.01 -0.27 8.08
CA GLY B 83 -15.93 0.13 7.05
C GLY B 83 -15.38 -0.31 5.72
N ASN B 84 -15.27 0.65 4.83
CA ASN B 84 -14.88 0.29 3.48
C ASN B 84 -13.43 0.65 3.19
N GLU B 85 -12.54 0.62 4.20
CA GLU B 85 -11.14 1.03 3.98
C GLU B 85 -10.17 0.08 4.68
N ILE B 86 -8.98 -0.04 4.09
CA ILE B 86 -7.82 -0.55 4.79
C ILE B 86 -7.36 0.59 5.70
N ALA B 87 -7.67 0.48 6.99
CA ALA B 87 -7.39 1.57 7.91
C ALA B 87 -5.90 1.71 8.18
N SER B 88 -5.25 0.59 8.50
CA SER B 88 -3.86 0.64 8.92
C SER B 88 -3.17 -0.65 8.53
N ALA B 89 -1.83 -0.59 8.53
CA ALA B 89 -1.01 -1.77 8.38
C ALA B 89 0.02 -1.71 9.50
N ALA B 90 0.68 -2.85 9.73
CA ALA B 90 1.69 -2.97 10.78
C ALA B 90 1.15 -2.67 12.18
N SER B 91 -0.14 -2.96 12.41
CA SER B 91 -0.81 -2.71 13.68
C SER B 91 -0.55 -3.83 14.67
N TYR B 92 -0.55 -3.50 15.96
CA TYR B 92 -0.41 -4.55 16.97
C TYR B 92 -1.76 -4.99 17.52
N LEU B 93 -1.99 -6.26 17.49
CA LEU B 93 -3.13 -6.88 18.14
C LEU B 93 -2.70 -7.50 19.46
N PRO B 94 -3.63 -7.71 20.37
CA PRO B 94 -3.29 -8.39 21.62
C PRO B 94 -2.91 -9.85 21.35
N LEU B 95 -1.98 -10.37 22.14
CA LEU B 95 -1.62 -11.77 22.04
C LEU B 95 -2.45 -12.62 23.02
N SER B 96 -3.12 -13.65 22.50
CA SER B 96 -3.78 -14.60 23.38
C SER B 96 -2.79 -15.40 24.23
N ASP B 97 -3.13 -15.64 25.49
CA ASP B 97 -2.34 -16.54 26.31
C ASP B 97 -2.86 -17.98 26.25
N SER B 98 -3.70 -18.31 25.27
CA SER B 98 -4.33 -19.63 25.24
C SER B 98 -3.30 -20.74 25.20
N PRO B 99 -3.38 -21.73 26.08
CA PRO B 99 -2.49 -22.89 25.99
C PRO B 99 -2.92 -23.92 24.97
N PHE B 100 -4.04 -23.70 24.28
CA PHE B 100 -4.52 -24.71 23.34
C PHE B 100 -4.11 -24.42 21.93
N LEU B 101 -3.71 -23.18 21.64
CA LEU B 101 -3.20 -22.85 20.32
C LEU B 101 -1.94 -23.66 20.06
N SER B 102 -1.95 -24.42 18.97
CA SER B 102 -0.86 -25.35 18.72
C SER B 102 0.49 -24.65 18.71
N LYS B 103 1.51 -25.41 19.13
CA LYS B 103 2.84 -24.82 19.31
C LYS B 103 3.48 -24.44 17.97
N GLU B 104 3.18 -25.20 16.91
CA GLU B 104 3.74 -24.90 15.60
C GLU B 104 3.20 -23.61 15.01
N LEU B 105 2.18 -23.00 15.62
CA LEU B 105 1.71 -21.72 15.13
C LEU B 105 2.56 -20.61 15.71
N GLY B 106 2.58 -19.47 15.02
CA GLY B 106 3.44 -18.37 15.36
C GLY B 106 2.70 -17.17 15.95
N THR B 107 3.45 -16.08 16.06
CA THR B 107 2.91 -14.88 16.66
C THR B 107 1.65 -14.40 15.95
N ARG B 108 1.64 -14.47 14.60
CA ARG B 108 0.48 -13.97 13.86
C ARG B 108 -0.79 -14.63 14.32
N HIS B 109 -0.75 -15.94 14.54
CA HIS B 109 -1.96 -16.64 14.93
C HIS B 109 -2.38 -16.23 16.33
N ARG B 110 -1.40 -16.07 17.23
CA ARG B 110 -1.70 -15.70 18.61
C ARG B 110 -2.30 -14.31 18.66
N ALA B 111 -1.83 -13.41 17.79
CA ALA B 111 -2.45 -12.10 17.64
C ALA B 111 -3.86 -12.21 17.07
N ALA B 112 -4.06 -13.02 16.03
CA ALA B 112 -5.42 -13.20 15.52
C ALA B 112 -6.34 -13.71 16.62
N LEU B 113 -5.87 -14.66 17.40
CA LEU B 113 -6.71 -15.20 18.47
C LEU B 113 -6.98 -14.12 19.51
N GLY B 114 -5.94 -13.39 19.90
CA GLY B 114 -6.08 -12.34 20.88
C GLY B 114 -7.13 -11.31 20.53
N ILE B 115 -7.11 -10.79 19.28
CA ILE B 115 -8.13 -9.79 18.94
C ILE B 115 -9.53 -10.44 18.97
N SER B 116 -9.63 -11.72 18.65
CA SER B 116 -10.95 -12.34 18.58
C SER B 116 -11.53 -12.60 19.96
N GLU B 117 -10.68 -12.62 21.02
CA GLU B 117 -11.17 -12.81 22.37
C GLU B 117 -11.79 -11.53 22.92
N VAL B 118 -11.48 -10.37 22.33
CA VAL B 118 -11.92 -9.11 22.91
C VAL B 118 -12.71 -8.23 21.94
N THR B 119 -13.00 -8.74 20.74
CA THR B 119 -13.86 -8.03 19.78
C THR B 119 -14.65 -9.07 18.99
N ASP B 120 -15.64 -8.59 18.21
CA ASP B 120 -16.35 -9.49 17.29
C ASP B 120 -15.76 -9.46 15.89
N SER B 121 -14.49 -9.07 15.76
N SER B 121 -14.50 -9.06 15.75
CA SER B 121 -13.84 -9.01 14.46
CA SER B 121 -13.88 -9.00 14.43
C SER B 121 -13.67 -10.41 13.87
C SER B 121 -13.67 -10.40 13.87
N ILE B 122 -13.52 -10.48 12.56
CA ILE B 122 -13.14 -11.71 11.87
C ILE B 122 -11.72 -11.52 11.39
N THR B 123 -10.81 -12.42 11.74
CA THR B 123 -9.42 -12.20 11.37
C THR B 123 -8.92 -13.38 10.56
N ILE B 124 -8.17 -13.09 9.50
CA ILE B 124 -7.64 -14.08 8.58
C ILE B 124 -6.13 -14.09 8.69
N VAL B 125 -5.54 -15.29 8.74
CA VAL B 125 -4.09 -15.46 8.87
C VAL B 125 -3.57 -16.38 7.79
N VAL B 126 -2.46 -16.01 7.19
CA VAL B 126 -1.72 -16.88 6.31
C VAL B 126 -0.43 -17.28 6.99
N SER B 127 -0.17 -18.59 7.09
CA SER B 127 1.05 -19.08 7.73
C SER B 127 2.23 -18.90 6.80
N GLU B 128 3.34 -18.35 7.32
CA GLU B 128 4.54 -18.29 6.50
C GLU B 128 5.30 -19.60 6.52
N GLU B 129 4.90 -20.56 7.36
CA GLU B 129 5.57 -21.86 7.38
C GLU B 129 4.96 -22.81 6.37
N THR B 130 3.62 -22.88 6.36
CA THR B 130 2.87 -23.85 5.58
C THR B 130 2.04 -23.22 4.47
N GLY B 131 1.87 -21.90 4.47
CA GLY B 131 0.91 -21.29 3.56
C GLY B 131 -0.54 -21.59 3.89
N GLY B 132 -0.80 -22.26 5.02
CA GLY B 132 -2.18 -22.53 5.40
C GLY B 132 -2.89 -21.28 5.89
N ILE B 133 -4.19 -21.22 5.58
CA ILE B 133 -5.02 -20.07 5.93
C ILE B 133 -5.83 -20.45 7.17
N SER B 134 -5.87 -19.56 8.15
CA SER B 134 -6.63 -19.78 9.37
C SER B 134 -7.54 -18.58 9.61
N LEU B 135 -8.57 -18.82 10.41
CA LEU B 135 -9.53 -17.79 10.79
C LEU B 135 -9.68 -17.79 12.27
N THR B 136 -9.93 -16.61 12.84
CA THR B 136 -10.31 -16.54 14.25
C THR B 136 -11.58 -15.72 14.39
N LYS B 137 -12.40 -16.11 15.39
CA LYS B 137 -13.67 -15.48 15.69
C LYS B 137 -14.08 -15.91 17.07
N GLY B 138 -14.48 -14.97 17.92
CA GLY B 138 -15.06 -15.37 19.21
C GLY B 138 -14.17 -16.19 20.12
N GLY B 139 -12.87 -15.94 20.07
CA GLY B 139 -11.91 -16.61 20.92
C GLY B 139 -11.50 -17.95 20.42
N GLU B 140 -11.84 -18.29 19.17
CA GLU B 140 -11.50 -19.59 18.65
C GLU B 140 -10.83 -19.45 17.29
N LEU B 141 -10.08 -20.47 16.91
CA LEU B 141 -9.36 -20.52 15.64
C LEU B 141 -9.85 -21.72 14.83
N PHE B 142 -10.01 -21.51 13.53
CA PHE B 142 -10.29 -22.55 12.55
C PHE B 142 -9.05 -22.59 11.66
N ARG B 143 -8.30 -23.69 11.74
CA ARG B 143 -6.96 -23.80 11.19
C ARG B 143 -6.96 -24.51 9.83
N ASP B 144 -6.18 -23.98 8.88
CA ASP B 144 -5.92 -24.63 7.60
C ASP B 144 -7.23 -24.86 6.84
N VAL B 145 -7.93 -23.77 6.57
CA VAL B 145 -9.22 -23.82 5.90
C VAL B 145 -9.01 -23.97 4.39
N SER B 146 -9.96 -24.65 3.75
CA SER B 146 -9.98 -24.77 2.29
C SER B 146 -10.51 -23.49 1.66
N GLU B 147 -10.28 -23.35 0.35
CA GLU B 147 -10.84 -22.22 -0.36
C GLU B 147 -12.36 -22.18 -0.23
N GLU B 148 -13.00 -23.34 -0.31
CA GLU B 148 -14.45 -23.39 -0.13
C GLU B 148 -14.84 -22.97 1.28
N GLU B 149 -14.14 -23.50 2.28
CA GLU B 149 -14.44 -23.15 3.68
C GLU B 149 -14.24 -21.66 3.93
N LEU B 150 -13.13 -21.11 3.47
CA LEU B 150 -12.87 -19.68 3.64
C LEU B 150 -14.01 -18.85 3.07
N HIS B 151 -14.41 -19.15 1.83
CA HIS B 151 -15.51 -18.40 1.21
C HIS B 151 -16.80 -18.47 2.01
N LYS B 152 -17.22 -19.68 2.38
CA LYS B 152 -18.49 -19.83 3.11
C LYS B 152 -18.48 -19.05 4.41
N ILE B 153 -17.37 -19.09 5.15
CA ILE B 153 -17.34 -18.40 6.43
C ILE B 153 -17.32 -16.89 6.22
N LEU B 154 -16.53 -16.39 5.26
CA LEU B 154 -16.49 -14.95 5.05
C LEU B 154 -17.83 -14.45 4.57
N LEU B 155 -18.49 -15.23 3.69
CA LEU B 155 -19.84 -14.85 3.28
C LEU B 155 -20.79 -14.84 4.48
N LYS B 156 -20.76 -15.88 5.30
CA LYS B 156 -21.66 -15.90 6.45
C LYS B 156 -21.36 -14.72 7.38
N GLU B 157 -20.09 -14.46 7.65
CA GLU B 157 -19.79 -13.52 8.72
C GLU B 157 -19.70 -12.08 8.24
N LEU B 158 -19.43 -11.85 6.94
CA LEU B 158 -19.19 -10.49 6.45
C LEU B 158 -20.28 -9.95 5.53
N VAL B 159 -21.23 -10.78 5.09
CA VAL B 159 -22.32 -10.32 4.22
C VAL B 159 -23.61 -10.37 5.03
N THR B 160 -24.19 -9.20 5.26
CA THR B 160 -25.23 -9.06 6.29
C THR B 160 -26.50 -9.83 5.93
N VAL B 161 -26.87 -9.91 4.64
CA VAL B 161 -28.14 -10.53 4.29
C VAL B 161 -28.10 -12.06 4.39
N THR B 162 -26.92 -12.68 4.41
CA THR B 162 -26.85 -14.13 4.66
C THR B 162 -27.34 -14.45 6.06
#